data_9CU3
#
_entry.id   9CU3
#
_cell.length_a   88.796
_cell.length_b   88.796
_cell.length_c   141.523
_cell.angle_alpha   90.00
_cell.angle_beta   90.00
_cell.angle_gamma   120.00
#
_symmetry.space_group_name_H-M   'P 31 2 1'
#
loop_
_entity.id
_entity.type
_entity.pdbx_description
1 polymer 'WYL domain-containing protein'
2 non-polymer GLYCEROL
3 non-polymer 'SULFATE ION'
4 water water
#
_entity_poly.entity_id   1
_entity_poly.type   'polypeptide(L)'
_entity_poly.pdbx_seq_one_letter_code
;MGSSHHHHHHSSGLVPRGSHMTAEELAALRVAADSLRASGADARASSLYALEAKLLSALRGSARRRVAPDVEALVQAETI
AVHAGPRPYEDQAVLGAIRAAIKGLQALSFRYEGGSTPGRTREVTPLGVLFGRSNYLVALEGKGGKPRSWRLDRMSDLKV
LDKPAPPPQDFSLQAFADESFGIYHDEIQDVVLRIHKSRAEDALRWRFHATQQVTPEADGSVLVTFRAGGMRELSWHLFT
WGDAVEIVAPQVLKDMMVQELREAGRAHGAW
;
_entity_poly.pdbx_strand_id   B,A
#
loop_
_chem_comp.id
_chem_comp.type
_chem_comp.name
_chem_comp.formula
GOL non-polymer GLYCEROL 'C3 H8 O3'
SO4 non-polymer 'SULFATE ION' 'O4 S -2'
#
# COMPACT_ATOMS: atom_id res chain seq x y z
N GLN A 76 18.32 -16.46 10.45
CA GLN A 76 18.17 -15.45 9.42
C GLN A 76 18.36 -14.05 9.99
N ALA A 77 17.84 -13.83 11.20
CA ALA A 77 17.82 -12.52 11.84
C ALA A 77 17.08 -11.51 10.98
N GLU A 78 15.87 -11.90 10.53
CA GLU A 78 15.03 -11.06 9.68
C GLU A 78 14.06 -10.26 10.54
N THR A 79 14.19 -8.93 10.51
CA THR A 79 13.34 -8.08 11.32
C THR A 79 12.45 -7.14 10.51
N ILE A 80 12.58 -7.12 9.19
CA ILE A 80 11.69 -6.39 8.30
C ILE A 80 11.23 -7.32 7.20
N ALA A 81 10.04 -7.05 6.68
CA ALA A 81 9.47 -7.80 5.57
C ALA A 81 8.41 -6.94 4.90
N VAL A 82 8.02 -7.35 3.70
CA VAL A 82 6.95 -6.68 2.97
C VAL A 82 5.63 -7.39 3.27
N HIS A 83 4.62 -6.62 3.67
CA HIS A 83 3.32 -7.22 3.88
C HIS A 83 2.76 -7.72 2.54
N ALA A 84 2.19 -8.93 2.57
CA ALA A 84 1.47 -9.42 1.41
C ALA A 84 0.47 -8.38 0.94
N GLY A 85 0.48 -8.12 -0.37
CA GLY A 85 -0.43 -7.17 -0.97
C GLY A 85 -0.17 -7.15 -2.45
N PRO A 86 -1.22 -7.31 -3.25
CA PRO A 86 -1.04 -7.36 -4.70
C PRO A 86 -0.49 -6.03 -5.20
N ARG A 87 0.50 -6.11 -6.08
CA ARG A 87 1.34 -4.96 -6.42
C ARG A 87 2.11 -5.28 -7.69
N PRO A 88 2.75 -4.30 -8.34
CA PRO A 88 3.53 -4.62 -9.54
C PRO A 88 4.69 -5.54 -9.21
N TYR A 89 5.04 -6.39 -10.18
CA TYR A 89 6.39 -6.98 -10.21
C TYR A 89 7.42 -5.88 -10.03
N GLU A 90 8.42 -6.13 -9.21
CA GLU A 90 9.50 -5.16 -9.17
C GLU A 90 10.83 -5.88 -9.19
N ASP A 91 11.70 -5.43 -10.10
CA ASP A 91 13.08 -5.85 -10.22
C ASP A 91 13.86 -5.45 -8.98
N GLN A 92 14.30 -6.45 -8.19
CA GLN A 92 15.00 -6.13 -6.95
C GLN A 92 16.35 -5.48 -7.21
N ALA A 93 17.02 -5.83 -8.32
CA ALA A 93 18.29 -5.21 -8.67
C ALA A 93 18.13 -3.71 -8.92
N VAL A 94 17.02 -3.33 -9.56
CA VAL A 94 16.80 -1.92 -9.88
C VAL A 94 16.62 -1.10 -8.61
N LEU A 95 15.77 -1.58 -7.70
CA LEU A 95 15.61 -0.92 -6.41
C LEU A 95 16.93 -0.88 -5.66
N GLY A 96 17.71 -1.97 -5.73
CA GLY A 96 19.02 -1.95 -5.08
C GLY A 96 19.94 -0.88 -5.62
N ALA A 97 19.98 -0.74 -6.94
CA ALA A 97 20.83 0.29 -7.55
C ALA A 97 20.36 1.69 -7.19
N ILE A 98 19.04 1.90 -7.19
CA ILE A 98 18.51 3.21 -6.80
C ILE A 98 18.88 3.51 -5.36
N ARG A 99 18.71 2.53 -4.46
CA ARG A 99 19.02 2.72 -3.06
C ARG A 99 20.49 3.03 -2.84
N ALA A 100 21.38 2.31 -3.52
CA ALA A 100 22.81 2.57 -3.39
C ALA A 100 23.16 3.97 -3.87
N ALA A 101 22.57 4.40 -4.99
CA ALA A 101 22.86 5.74 -5.48
C ALA A 101 22.42 6.79 -4.47
N ILE A 102 21.22 6.63 -3.92
CA ILE A 102 20.69 7.61 -2.98
C ILE A 102 21.53 7.66 -1.70
N LYS A 103 21.90 6.49 -1.17
CA LYS A 103 22.67 6.48 0.08
C LYS A 103 24.08 7.05 -0.14
N GLY A 104 24.67 6.78 -1.29
CA GLY A 104 25.98 7.34 -1.58
C GLY A 104 25.97 8.77 -2.10
N LEU A 105 24.80 9.39 -2.21
CA LEU A 105 24.67 10.73 -2.82
C LEU A 105 25.37 10.75 -4.18
N GLN A 106 25.11 9.73 -4.97
CA GLN A 106 25.72 9.54 -6.27
C GLN A 106 24.68 9.64 -7.38
N ALA A 107 25.10 10.08 -8.56
CA ALA A 107 24.20 10.13 -9.69
C ALA A 107 23.83 8.71 -10.15
N LEU A 108 22.75 8.63 -10.91
CA LEU A 108 22.26 7.36 -11.44
C LEU A 108 21.98 7.53 -12.93
N SER A 109 22.37 6.55 -13.73
CA SER A 109 22.06 6.57 -15.15
C SER A 109 21.29 5.31 -15.51
N PHE A 110 20.44 5.44 -16.52
CA PHE A 110 19.62 4.29 -16.96
C PHE A 110 19.10 4.55 -18.36
N ARG A 111 18.86 3.48 -19.10
CA ARG A 111 18.11 3.61 -20.34
C ARG A 111 16.64 3.77 -19.99
N TYR A 112 15.99 4.75 -20.60
CA TYR A 112 14.57 4.97 -20.35
C TYR A 112 13.78 4.64 -21.59
N GLU A 113 12.85 3.70 -21.47
CA GLU A 113 11.98 3.35 -22.57
C GLU A 113 10.88 4.39 -22.75
N GLY A 114 10.50 4.60 -24.02
CA GLY A 114 9.37 5.46 -24.31
C GLY A 114 9.68 6.94 -24.14
N GLY A 115 8.61 7.71 -23.97
CA GLY A 115 8.74 9.14 -23.78
C GLY A 115 9.31 9.82 -25.01
N SER A 116 9.95 10.96 -24.77
CA SER A 116 10.40 11.83 -25.86
C SER A 116 11.49 11.18 -26.71
N THR A 117 12.43 10.49 -26.07
CA THR A 117 13.61 9.94 -26.74
C THR A 117 13.76 8.48 -26.36
N PRO A 118 12.91 7.60 -26.90
CA PRO A 118 12.84 6.23 -26.41
C PRO A 118 14.18 5.52 -26.49
N GLY A 119 14.53 4.84 -25.40
CA GLY A 119 15.78 4.10 -25.32
C GLY A 119 17.02 4.93 -25.00
N ARG A 120 16.89 6.24 -24.84
CA ARG A 120 18.06 7.06 -24.55
C ARG A 120 18.53 6.84 -23.12
N THR A 121 19.85 6.95 -22.92
CA THR A 121 20.44 6.93 -21.59
C THR A 121 20.28 8.28 -20.90
N ARG A 122 19.71 8.27 -19.70
CA ARG A 122 19.46 9.46 -18.89
C ARG A 122 20.31 9.40 -17.63
N GLU A 123 20.80 10.57 -17.18
CA GLU A 123 21.58 10.69 -15.97
C GLU A 123 20.86 11.64 -15.01
N VAL A 124 20.59 11.18 -13.79
CA VAL A 124 19.73 11.90 -12.86
C VAL A 124 20.37 11.93 -11.49
N THR A 125 19.88 12.88 -10.68
CA THR A 125 20.04 12.87 -9.23
C THR A 125 18.86 12.12 -8.64
N PRO A 126 19.06 10.92 -8.07
CA PRO A 126 17.94 10.17 -7.52
C PRO A 126 17.52 10.68 -6.14
N LEU A 127 16.22 10.61 -5.88
CA LEU A 127 15.61 11.22 -4.70
C LEU A 127 14.80 10.23 -3.89
N GLY A 128 14.15 9.28 -4.54
CA GLY A 128 13.38 8.28 -3.82
C GLY A 128 12.54 7.44 -4.75
N VAL A 129 11.68 6.62 -4.15
CA VAL A 129 10.84 5.70 -4.89
C VAL A 129 9.40 5.87 -4.41
N LEU A 130 8.44 5.73 -5.34
CA LEU A 130 7.01 5.71 -5.03
C LEU A 130 6.42 4.35 -5.37
N PHE A 131 5.71 3.75 -4.41
CA PHE A 131 4.98 2.51 -4.64
C PHE A 131 3.51 2.80 -4.86
N GLY A 132 2.88 2.07 -5.77
CA GLY A 132 1.45 2.20 -5.92
C GLY A 132 0.89 1.37 -7.05
N ARG A 133 -0.14 1.90 -7.73
CA ARG A 133 -0.66 1.25 -8.94
C ARG A 133 0.49 0.95 -9.92
N SER A 134 1.46 1.87 -10.01
CA SER A 134 2.74 1.66 -10.67
C SER A 134 3.82 2.16 -9.73
N ASN A 135 5.05 1.69 -9.94
CA ASN A 135 6.20 2.11 -9.15
C ASN A 135 7.03 3.15 -9.92
N TYR A 136 7.51 4.15 -9.21
CA TYR A 136 8.24 5.25 -9.83
C TYR A 136 9.54 5.52 -9.08
N LEU A 137 10.59 5.84 -9.84
CA LEU A 137 11.72 6.60 -9.34
C LEU A 137 11.35 8.08 -9.31
N VAL A 138 11.71 8.76 -8.23
CA VAL A 138 11.63 10.22 -8.18
C VAL A 138 13.06 10.75 -8.30
N ALA A 139 13.30 11.61 -9.28
CA ALA A 139 14.67 12.07 -9.53
C ALA A 139 14.61 13.32 -10.38
N LEU A 140 15.73 14.05 -10.42
CA LEU A 140 15.79 15.24 -11.25
C LEU A 140 16.92 15.12 -12.26
N GLU A 141 16.75 15.76 -13.40
CA GLU A 141 17.68 15.65 -14.51
C GLU A 141 18.27 17.01 -14.82
N GLY A 142 19.59 17.10 -14.87
CA GLY A 142 20.27 18.32 -15.24
C GLY A 142 20.27 19.33 -14.11
N LYS A 143 21.21 20.26 -14.20
CA LYS A 143 21.33 21.30 -13.19
C LYS A 143 20.05 22.13 -13.12
N GLY A 144 19.55 22.31 -11.90
CA GLY A 144 18.30 23.00 -11.69
C GLY A 144 17.07 22.22 -12.06
N GLY A 145 17.21 20.98 -12.52
CA GLY A 145 16.04 20.21 -12.92
C GLY A 145 15.06 20.07 -11.78
N LYS A 146 13.78 20.00 -12.13
CA LYS A 146 12.76 19.83 -11.12
C LYS A 146 12.50 18.34 -10.89
N PRO A 147 12.26 17.95 -9.64
CA PRO A 147 11.95 16.55 -9.37
C PRO A 147 10.75 16.11 -10.20
N ARG A 148 10.86 14.88 -10.72
CA ARG A 148 9.79 14.31 -11.52
C ARG A 148 9.85 12.80 -11.38
N SER A 149 8.85 12.13 -11.93
CA SER A 149 8.73 10.70 -11.81
C SER A 149 9.22 10.02 -13.09
N TRP A 150 9.72 8.80 -12.91
CA TRP A 150 10.12 7.90 -13.98
C TRP A 150 9.56 6.52 -13.65
N ARG A 151 8.93 5.86 -14.62
CA ARG A 151 8.41 4.52 -14.39
C ARG A 151 9.54 3.51 -14.22
N LEU A 152 9.54 2.77 -13.11
CA LEU A 152 10.55 1.73 -12.92
C LEU A 152 10.50 0.71 -14.03
N ASP A 153 9.30 0.40 -14.54
CA ASP A 153 9.21 -0.67 -15.53
C ASP A 153 9.61 -0.21 -16.93
N ARG A 154 9.97 1.06 -17.10
CA ARG A 154 10.58 1.53 -18.33
C ARG A 154 12.07 1.81 -18.16
N MET A 155 12.68 1.37 -17.06
CA MET A 155 14.08 1.63 -16.75
C MET A 155 14.91 0.36 -16.84
N SER A 156 16.12 0.47 -17.34
CA SER A 156 17.00 -0.68 -17.46
C SER A 156 18.44 -0.17 -17.52
N ASP A 157 19.39 -1.09 -17.41
CA ASP A 157 20.80 -0.77 -17.55
C ASP A 157 21.22 0.27 -16.50
N LEU A 158 20.77 0.06 -15.27
CA LEU A 158 21.05 1.00 -14.19
C LEU A 158 22.53 1.01 -13.87
N LYS A 159 23.08 2.21 -13.65
CA LYS A 159 24.49 2.35 -13.25
C LYS A 159 24.61 3.39 -12.16
N VAL A 160 25.25 3.04 -11.06
CA VAL A 160 25.60 4.04 -10.05
C VAL A 160 26.90 4.70 -10.46
N LEU A 161 26.88 6.01 -10.57
CA LEU A 161 28.00 6.79 -11.07
C LEU A 161 28.81 7.37 -9.92
N ASP A 162 30.03 7.78 -10.23
CA ASP A 162 30.93 8.38 -9.25
C ASP A 162 30.92 9.89 -9.32
N LYS A 163 29.76 10.49 -9.54
CA LYS A 163 29.51 11.92 -9.52
C LYS A 163 28.68 12.30 -8.30
N PRO A 164 28.88 13.49 -7.73
CA PRO A 164 28.05 13.91 -6.59
C PRO A 164 26.63 14.25 -7.04
N ALA A 165 25.65 13.75 -6.31
CA ALA A 165 24.24 14.05 -6.59
C ALA A 165 23.48 14.24 -5.29
N PRO A 166 23.77 15.31 -4.55
CA PRO A 166 22.99 15.63 -3.34
C PRO A 166 21.57 16.05 -3.71
N PRO A 167 20.61 15.87 -2.80
CA PRO A 167 19.24 16.32 -3.07
C PRO A 167 19.12 17.82 -2.90
N PRO A 168 18.10 18.42 -3.53
CA PRO A 168 17.77 19.83 -3.24
C PRO A 168 17.47 20.00 -1.76
N GLN A 169 17.86 21.16 -1.23
CA GLN A 169 17.77 21.36 0.21
C GLN A 169 16.34 21.35 0.73
N ASP A 170 15.36 21.60 -0.14
CA ASP A 170 13.96 21.66 0.30
C ASP A 170 13.16 20.44 -0.14
N PHE A 171 13.80 19.39 -0.65
CA PHE A 171 13.05 18.28 -1.19
C PHE A 171 12.49 17.38 -0.09
N SER A 172 11.24 16.96 -0.29
CA SER A 172 10.56 15.99 0.56
C SER A 172 9.88 14.95 -0.31
N LEU A 173 10.19 13.68 -0.09
CA LEU A 173 9.56 12.62 -0.88
C LEU A 173 8.06 12.58 -0.66
N GLN A 174 7.60 12.75 0.60
CA GLN A 174 6.15 12.69 0.85
C GLN A 174 5.43 13.87 0.23
N ALA A 175 6.04 15.06 0.30
CA ALA A 175 5.50 16.21 -0.39
C ALA A 175 5.44 15.97 -1.89
N PHE A 176 6.49 15.36 -2.46
CA PHE A 176 6.44 15.08 -3.89
C PHE A 176 5.31 14.11 -4.20
N ALA A 177 5.17 13.07 -3.37
CA ALA A 177 4.08 12.12 -3.57
C ALA A 177 2.74 12.81 -3.65
N ASP A 178 2.56 13.89 -2.88
CA ASP A 178 1.27 14.58 -2.93
C ASP A 178 1.22 15.79 -3.88
N GLU A 179 2.30 16.12 -4.56
CA GLU A 179 2.28 17.35 -5.34
C GLU A 179 1.59 17.15 -6.69
N SER A 180 1.09 18.25 -7.24
CA SER A 180 0.32 18.20 -8.49
C SER A 180 1.14 17.65 -9.66
N PHE A 181 0.55 16.67 -10.35
CA PHE A 181 1.13 16.07 -11.55
C PHE A 181 2.44 15.35 -11.26
N GLY A 182 2.71 15.05 -9.99
CA GLY A 182 3.88 14.24 -9.67
C GLY A 182 3.81 12.88 -10.34
N ILE A 183 2.66 12.22 -10.27
CA ILE A 183 2.47 10.96 -10.98
C ILE A 183 1.18 10.89 -11.78
N TYR A 184 0.14 11.57 -11.32
CA TYR A 184 -1.16 11.50 -12.00
C TYR A 184 -1.21 12.56 -13.08
N HIS A 185 -2.04 12.33 -14.10
CA HIS A 185 -2.15 13.24 -15.22
C HIS A 185 -3.52 13.92 -15.36
N ASP A 186 -4.48 13.61 -14.49
CA ASP A 186 -5.81 14.16 -14.67
C ASP A 186 -5.88 15.54 -14.02
N GLU A 187 -7.05 16.17 -14.12
CA GLU A 187 -7.21 17.51 -13.57
C GLU A 187 -7.23 17.47 -12.04
N ILE A 188 -6.72 18.53 -11.43
CA ILE A 188 -6.76 18.64 -9.98
C ILE A 188 -8.18 19.00 -9.57
N GLN A 189 -8.74 18.27 -8.59
CA GLN A 189 -10.13 18.45 -8.15
C GLN A 189 -10.22 18.85 -6.68
N ASP A 190 -11.29 19.57 -6.35
CA ASP A 190 -11.71 19.77 -4.97
C ASP A 190 -12.55 18.58 -4.54
N VAL A 191 -11.98 17.72 -3.71
CA VAL A 191 -12.68 16.54 -3.20
C VAL A 191 -13.32 16.86 -1.86
N VAL A 192 -14.61 16.59 -1.76
CA VAL A 192 -15.37 16.73 -0.53
C VAL A 192 -16.07 15.41 -0.26
N LEU A 193 -15.76 14.80 0.90
CA LEU A 193 -16.30 13.53 1.35
C LEU A 193 -16.96 13.71 2.70
N ARG A 194 -18.06 13.00 2.94
CA ARG A 194 -18.63 12.88 4.28
C ARG A 194 -18.50 11.43 4.73
N ILE A 195 -17.97 11.22 5.93
CA ILE A 195 -17.69 9.89 6.44
C ILE A 195 -18.59 9.68 7.65
N HIS A 196 -19.38 8.61 7.62
N HIS A 196 -19.39 8.61 7.61
CA HIS A 196 -20.40 8.42 8.62
CA HIS A 196 -20.39 8.27 8.62
C HIS A 196 -19.77 8.21 10.00
C HIS A 196 -19.77 8.20 10.01
N LYS A 197 -20.59 8.45 11.03
CA LYS A 197 -20.11 8.43 12.40
C LYS A 197 -19.41 7.13 12.76
N SER A 198 -19.92 6.00 12.23
CA SER A 198 -19.36 4.69 12.58
C SER A 198 -17.90 4.55 12.15
N ARG A 199 -17.41 5.38 11.22
CA ARG A 199 -16.02 5.34 10.81
C ARG A 199 -15.32 6.67 11.04
N ALA A 200 -15.96 7.60 11.74
CA ALA A 200 -15.40 8.94 11.86
C ALA A 200 -14.05 8.91 12.55
N GLU A 201 -13.95 8.14 13.64
CA GLU A 201 -12.66 8.01 14.32
C GLU A 201 -11.59 7.56 13.34
N ASP A 202 -11.90 6.57 12.50
CA ASP A 202 -10.93 6.12 11.51
C ASP A 202 -10.55 7.25 10.55
N ALA A 203 -11.54 8.01 10.11
CA ALA A 203 -11.26 9.09 9.17
C ALA A 203 -10.31 10.11 9.80
N LEU A 204 -10.46 10.33 11.12
CA LEU A 204 -9.59 11.32 11.77
C LEU A 204 -8.14 10.85 11.78
N ARG A 205 -7.90 9.55 11.71
CA ARG A 205 -6.55 9.04 11.77
C ARG A 205 -6.03 8.63 10.39
N TRP A 206 -6.67 9.11 9.33
CA TRP A 206 -6.37 8.68 7.97
C TRP A 206 -5.83 9.85 7.18
N ARG A 207 -4.74 9.63 6.47
CA ARG A 207 -4.09 10.69 5.68
C ARG A 207 -4.51 10.48 4.23
N PHE A 208 -5.63 11.11 3.84
CA PHE A 208 -6.06 11.07 2.43
C PHE A 208 -5.11 11.88 1.54
N HIS A 209 -4.67 13.04 2.03
CA HIS A 209 -3.85 13.95 1.24
C HIS A 209 -3.23 14.99 2.16
N ALA A 210 -2.12 15.58 1.70
CA ALA A 210 -1.45 16.60 2.49
C ALA A 210 -2.31 17.86 2.67
N THR A 211 -3.13 18.21 1.68
CA THR A 211 -3.97 19.39 1.79
C THR A 211 -5.25 19.17 2.58
N GLN A 212 -5.43 18.04 3.26
CA GLN A 212 -6.75 17.72 3.75
C GLN A 212 -7.13 18.53 4.99
N GLN A 213 -8.43 18.70 5.17
CA GLN A 213 -9.02 19.24 6.39
C GLN A 213 -10.17 18.33 6.78
N VAL A 214 -10.24 17.99 8.07
CA VAL A 214 -11.31 17.15 8.58
C VAL A 214 -12.09 17.98 9.62
N THR A 215 -13.41 17.92 9.54
CA THR A 215 -14.29 18.80 10.32
C THR A 215 -15.39 17.96 10.92
N PRO A 216 -15.58 17.99 12.25
CA PRO A 216 -16.69 17.22 12.85
C PRO A 216 -18.03 17.86 12.53
N GLU A 217 -19.00 17.05 12.12
CA GLU A 217 -20.36 17.51 11.92
C GLU A 217 -21.20 17.19 13.14
N ALA A 218 -22.36 17.84 13.25
CA ALA A 218 -23.17 17.75 14.46
C ALA A 218 -23.69 16.32 14.70
N ASP A 219 -24.00 15.57 13.64
CA ASP A 219 -24.46 14.20 13.80
C ASP A 219 -23.33 13.21 14.05
N GLY A 220 -22.10 13.67 14.28
CA GLY A 220 -20.98 12.78 14.52
C GLY A 220 -20.23 12.33 13.27
N SER A 221 -20.80 12.53 12.09
CA SER A 221 -20.02 12.28 10.88
C SER A 221 -18.86 13.27 10.80
N VAL A 222 -17.96 13.06 9.84
CA VAL A 222 -16.92 14.06 9.59
C VAL A 222 -16.92 14.45 8.11
N LEU A 223 -16.57 15.69 7.84
CA LEU A 223 -16.28 16.14 6.49
C LEU A 223 -14.77 16.11 6.24
N VAL A 224 -14.37 15.51 5.12
CA VAL A 224 -12.98 15.48 4.67
C VAL A 224 -12.91 16.26 3.37
N THR A 225 -12.07 17.27 3.30
CA THR A 225 -11.86 18.00 2.07
C THR A 225 -10.39 17.99 1.74
N PHE A 226 -10.07 17.88 0.45
CA PHE A 226 -8.70 18.05 0.01
C PHE A 226 -8.71 18.38 -1.47
N ARG A 227 -7.56 18.79 -1.99
CA ARG A 227 -7.44 19.13 -3.40
C ARG A 227 -6.36 18.25 -4.01
N ALA A 228 -6.73 17.44 -5.00
CA ALA A 228 -5.78 16.47 -5.54
C ALA A 228 -6.27 15.96 -6.88
N GLY A 229 -5.36 15.36 -7.64
CA GLY A 229 -5.71 14.64 -8.84
C GLY A 229 -5.82 13.17 -8.50
N GLY A 230 -5.77 12.32 -9.52
CA GLY A 230 -5.82 10.89 -9.28
C GLY A 230 -7.17 10.36 -8.85
N MET A 231 -8.22 10.78 -9.55
CA MET A 231 -9.58 10.39 -9.20
C MET A 231 -9.81 8.88 -9.35
N ARG A 232 -9.20 8.25 -10.36
CA ARG A 232 -9.33 6.81 -10.53
C ARG A 232 -8.84 6.06 -9.29
N GLU A 233 -7.59 6.32 -8.91
CA GLU A 233 -7.00 5.66 -7.75
C GLU A 233 -7.80 5.99 -6.49
N LEU A 234 -8.27 7.23 -6.38
CA LEU A 234 -9.06 7.62 -5.22
C LEU A 234 -10.37 6.84 -5.16
N SER A 235 -11.06 6.70 -6.30
CA SER A 235 -12.31 5.94 -6.30
C SER A 235 -12.07 4.48 -5.86
N TRP A 236 -10.99 3.87 -6.34
CA TRP A 236 -10.66 2.54 -5.85
C TRP A 236 -10.46 2.55 -4.33
N HIS A 237 -9.73 3.53 -3.81
CA HIS A 237 -9.52 3.54 -2.36
C HIS A 237 -10.85 3.72 -1.62
N LEU A 238 -11.76 4.53 -2.17
CA LEU A 238 -13.01 4.81 -1.45
C LEU A 238 -13.86 3.55 -1.34
N PHE A 239 -13.74 2.65 -2.32
CA PHE A 239 -14.40 1.36 -2.18
C PHE A 239 -14.06 0.67 -0.86
N THR A 240 -12.83 0.86 -0.34
CA THR A 240 -12.45 0.22 0.92
C THR A 240 -13.19 0.77 2.14
N TRP A 241 -13.86 1.92 2.02
CA TRP A 241 -14.68 2.46 3.10
C TRP A 241 -16.13 1.97 3.07
N GLY A 242 -16.52 1.18 2.07
CA GLY A 242 -17.86 0.58 2.10
C GLY A 242 -18.95 1.64 2.01
N ASP A 243 -20.00 1.47 2.81
CA ASP A 243 -21.13 2.40 2.78
C ASP A 243 -20.95 3.57 3.74
N ALA A 244 -19.76 3.74 4.30
CA ALA A 244 -19.50 4.79 5.29
C ALA A 244 -19.03 6.10 4.66
N VAL A 245 -18.90 6.19 3.34
CA VAL A 245 -18.40 7.42 2.73
C VAL A 245 -19.41 7.90 1.69
N GLU A 246 -19.77 9.18 1.78
CA GLU A 246 -20.56 9.87 0.77
C GLU A 246 -19.65 10.84 0.01
N ILE A 247 -19.70 10.79 -1.31
CA ILE A 247 -18.93 11.70 -2.15
C ILE A 247 -19.79 12.95 -2.35
N VAL A 248 -19.38 14.07 -1.77
CA VAL A 248 -20.08 15.32 -2.00
C VAL A 248 -19.63 15.97 -3.30
N ALA A 249 -18.32 15.92 -3.58
CA ALA A 249 -17.78 16.55 -4.79
C ALA A 249 -16.40 15.97 -5.06
N PRO A 250 -15.91 16.03 -6.31
CA PRO A 250 -16.51 16.56 -7.54
C PRO A 250 -17.45 15.56 -8.20
N GLN A 251 -18.29 16.07 -9.10
CA GLN A 251 -19.21 15.23 -9.84
C GLN A 251 -18.48 14.14 -10.64
N VAL A 252 -17.29 14.45 -11.15
CA VAL A 252 -16.58 13.46 -11.95
C VAL A 252 -16.17 12.27 -11.11
N LEU A 253 -15.83 12.49 -9.84
CA LEU A 253 -15.55 11.37 -8.94
C LEU A 253 -16.79 10.56 -8.64
N LYS A 254 -17.94 11.21 -8.42
CA LYS A 254 -19.20 10.47 -8.25
C LYS A 254 -19.47 9.59 -9.45
N ASP A 255 -19.38 10.16 -10.65
CA ASP A 255 -19.72 9.43 -11.86
C ASP A 255 -18.79 8.25 -12.06
N MET A 256 -17.48 8.46 -11.81
CA MET A 256 -16.51 7.39 -11.91
C MET A 256 -16.83 6.26 -10.92
N MET A 257 -17.13 6.63 -9.68
CA MET A 257 -17.44 5.63 -8.67
C MET A 257 -18.64 4.80 -9.11
N VAL A 258 -19.69 5.47 -9.60
CA VAL A 258 -20.91 4.76 -9.98
C VAL A 258 -20.66 3.84 -11.17
N GLN A 259 -19.91 4.32 -12.17
CA GLN A 259 -19.61 3.50 -13.35
C GLN A 259 -18.80 2.28 -12.97
N GLU A 260 -17.81 2.44 -12.10
CA GLU A 260 -17.00 1.29 -11.68
C GLU A 260 -17.84 0.30 -10.89
N LEU A 261 -18.72 0.81 -10.03
CA LEU A 261 -19.56 -0.10 -9.26
C LEU A 261 -20.53 -0.85 -10.16
N ARG A 262 -21.11 -0.18 -11.16
CA ARG A 262 -22.02 -0.87 -12.06
C ARG A 262 -21.28 -1.93 -12.86
N GLU A 263 -20.07 -1.60 -13.34
CA GLU A 263 -19.32 -2.54 -14.16
C GLU A 263 -18.86 -3.76 -13.35
N ALA A 264 -18.21 -3.53 -12.21
CA ALA A 264 -17.80 -4.65 -11.38
C ALA A 264 -18.99 -5.41 -10.83
N GLY A 265 -20.09 -4.71 -10.51
CA GLY A 265 -21.26 -5.38 -10.01
C GLY A 265 -21.87 -6.32 -11.03
N ARG A 266 -21.96 -5.87 -12.29
CA ARG A 266 -22.45 -6.73 -13.36
C ARG A 266 -21.52 -7.91 -13.57
N ALA A 267 -20.20 -7.67 -13.55
CA ALA A 267 -19.24 -8.75 -13.78
C ALA A 267 -19.30 -9.81 -12.69
N HIS A 268 -19.43 -9.40 -11.43
CA HIS A 268 -19.42 -10.38 -10.35
C HIS A 268 -20.81 -10.88 -9.97
N GLY A 269 -21.86 -10.43 -10.65
CA GLY A 269 -23.19 -10.94 -10.38
C GLY A 269 -23.91 -10.30 -9.20
N ALA A 270 -23.54 -9.08 -8.83
CA ALA A 270 -24.19 -8.45 -7.71
C ALA A 270 -25.48 -7.69 -8.07
N TRP A 271 -25.69 -7.37 -9.35
CA TRP A 271 -26.98 -6.72 -9.79
C TRP A 271 -27.32 -7.02 -11.24
N PRO B 69 17.43 -8.77 3.45
CA PRO B 69 15.99 -8.86 3.25
C PRO B 69 15.51 -8.40 1.88
N ASP B 70 14.19 -8.44 1.67
CA ASP B 70 13.59 -7.87 0.49
C ASP B 70 13.99 -6.40 0.38
N VAL B 71 14.42 -6.00 -0.82
CA VAL B 71 14.78 -4.60 -1.01
C VAL B 71 13.55 -3.70 -0.93
N GLU B 72 12.38 -4.20 -1.35
CA GLU B 72 11.16 -3.42 -1.23
C GLU B 72 10.89 -3.06 0.21
N ALA B 73 11.13 -3.99 1.14
CA ALA B 73 11.00 -3.66 2.56
C ALA B 73 12.12 -2.72 3.00
N LEU B 74 13.34 -2.98 2.55
CA LEU B 74 14.48 -2.17 2.97
C LEU B 74 14.27 -0.69 2.64
N VAL B 75 13.87 -0.38 1.40
CA VAL B 75 13.74 1.03 1.02
C VAL B 75 12.61 1.69 1.79
N GLN B 76 11.57 0.94 2.17
CA GLN B 76 10.52 1.59 2.95
C GLN B 76 10.98 1.82 4.39
N ALA B 77 11.63 0.82 4.99
CA ALA B 77 12.18 0.99 6.33
C ALA B 77 13.09 2.20 6.43
N GLU B 78 13.84 2.49 5.36
CA GLU B 78 14.79 3.60 5.35
C GLU B 78 14.18 4.92 4.88
N THR B 79 12.86 4.95 4.66
CA THR B 79 12.09 6.12 4.19
C THR B 79 12.55 6.62 2.80
N ILE B 80 13.21 5.75 2.06
CA ILE B 80 13.58 6.01 0.67
C ILE B 80 12.40 5.81 -0.27
N ALA B 81 11.38 5.07 0.17
CA ALA B 81 10.20 4.80 -0.63
C ALA B 81 8.96 5.10 0.19
N VAL B 82 7.94 5.62 -0.48
CA VAL B 82 6.65 5.98 0.10
C VAL B 82 5.58 5.36 -0.77
N HIS B 83 4.44 5.02 -0.17
CA HIS B 83 3.26 4.60 -0.91
C HIS B 83 2.45 5.83 -1.33
N ALA B 84 2.24 5.97 -2.63
CA ALA B 84 1.42 7.07 -3.12
C ALA B 84 -0.02 6.90 -2.67
N GLY B 85 -0.70 8.02 -2.44
CA GLY B 85 -2.13 8.01 -2.19
C GLY B 85 -2.50 7.80 -0.73
N PRO B 86 -3.80 7.66 -0.45
CA PRO B 86 -4.29 7.63 0.94
C PRO B 86 -3.70 6.49 1.76
N ARG B 87 -3.44 6.78 3.03
CA ARG B 87 -2.75 5.84 3.91
C ARG B 87 -2.84 6.35 5.34
N PRO B 88 -2.50 5.53 6.33
CA PRO B 88 -2.59 6.02 7.72
C PRO B 88 -1.53 7.06 8.03
N TYR B 89 -1.86 7.93 8.99
CA TYR B 89 -0.85 8.70 9.70
C TYR B 89 -0.06 7.72 10.56
N GLU B 90 1.26 7.72 10.41
CA GLU B 90 2.08 6.84 11.20
C GLU B 90 3.28 7.60 11.74
N ASP B 91 3.61 7.31 12.99
CA ASP B 91 4.61 8.05 13.76
C ASP B 91 5.95 7.31 13.70
N GLN B 92 6.98 7.99 13.18
CA GLN B 92 8.30 7.38 13.06
C GLN B 92 8.90 7.05 14.43
N ALA B 93 8.43 7.71 15.49
CA ALA B 93 8.88 7.37 16.83
C ALA B 93 8.48 5.96 17.21
N VAL B 94 7.30 5.51 16.76
CA VAL B 94 6.86 4.15 17.03
C VAL B 94 7.80 3.14 16.41
N LEU B 95 8.18 3.38 15.14
CA LEU B 95 9.15 2.50 14.50
C LEU B 95 10.49 2.52 15.23
N GLY B 96 10.93 3.70 15.67
CA GLY B 96 12.19 3.77 16.40
C GLY B 96 12.17 2.98 17.69
N ALA B 97 11.07 3.07 18.44
CA ALA B 97 10.94 2.28 19.66
C ALA B 97 10.98 0.79 19.35
N ILE B 98 10.26 0.36 18.30
CA ILE B 98 10.26 -1.06 17.97
C ILE B 98 11.66 -1.54 17.60
N ARG B 99 12.37 -0.75 16.77
CA ARG B 99 13.71 -1.13 16.35
C ARG B 99 14.66 -1.21 17.55
N ALA B 100 14.58 -0.22 18.44
CA ALA B 100 15.44 -0.26 19.63
C ALA B 100 15.14 -1.49 20.47
N ALA B 101 13.86 -1.81 20.66
CA ALA B 101 13.50 -3.00 21.43
C ALA B 101 14.03 -4.27 20.79
N ILE B 102 13.88 -4.41 19.46
CA ILE B 102 14.36 -5.61 18.79
C ILE B 102 15.87 -5.71 18.88
N LYS B 103 16.57 -4.60 18.63
CA LYS B 103 18.04 -4.61 18.66
C LYS B 103 18.54 -5.00 20.05
N GLY B 104 17.92 -4.47 21.10
CA GLY B 104 18.37 -4.78 22.44
C GLY B 104 17.90 -6.09 23.00
N LEU B 105 17.09 -6.87 22.26
CA LEU B 105 16.52 -8.12 22.75
C LEU B 105 15.69 -7.88 24.00
N GLN B 106 14.91 -6.80 23.99
CA GLN B 106 14.12 -6.36 25.12
C GLN B 106 12.63 -6.45 24.82
N ALA B 107 11.84 -6.56 25.89
CA ALA B 107 10.40 -6.52 25.78
C ALA B 107 9.94 -5.10 25.43
N LEU B 108 8.74 -5.02 24.84
CA LEU B 108 8.20 -3.75 24.39
C LEU B 108 6.76 -3.62 24.87
N SER B 109 6.43 -2.50 25.50
CA SER B 109 5.07 -2.25 25.94
C SER B 109 4.50 -1.08 25.15
N PHE B 110 3.18 -1.12 24.96
CA PHE B 110 2.51 -0.05 24.22
C PHE B 110 1.02 -0.07 24.55
N ARG B 111 0.38 1.07 24.31
CA ARG B 111 -1.08 1.17 24.41
C ARG B 111 -1.69 0.82 23.06
N TYR B 112 -2.63 -0.12 23.04
CA TYR B 112 -3.20 -0.56 21.78
C TYR B 112 -4.66 -0.10 21.68
N GLU B 113 -4.93 0.78 20.71
CA GLU B 113 -6.28 1.28 20.46
C GLU B 113 -6.98 0.39 19.43
N GLY B 114 -7.29 -0.82 19.87
CA GLY B 114 -7.93 -1.78 18.99
C GLY B 114 -8.28 -3.02 19.79
N GLY B 115 -8.96 -3.94 19.12
CA GLY B 115 -9.32 -5.19 19.75
C GLY B 115 -10.30 -5.00 20.89
N SER B 116 -10.39 -6.06 21.70
CA SER B 116 -11.41 -6.14 22.75
C SER B 116 -11.18 -5.11 23.86
N THR B 117 -9.93 -4.82 24.19
CA THR B 117 -9.59 -3.93 25.30
C THR B 117 -8.88 -2.69 24.76
N PRO B 118 -9.61 -1.78 24.12
CA PRO B 118 -8.96 -0.59 23.54
C PRO B 118 -8.41 0.32 24.63
N GLY B 119 -7.21 0.83 24.39
CA GLY B 119 -6.51 1.66 25.35
C GLY B 119 -5.71 0.90 26.39
N ARG B 120 -5.70 -0.42 26.35
CA ARG B 120 -4.96 -1.19 27.35
C ARG B 120 -3.48 -1.29 26.97
N THR B 121 -2.65 -1.42 28.01
CA THR B 121 -1.22 -1.59 27.85
C THR B 121 -0.92 -3.07 27.63
N ARG B 122 -0.22 -3.37 26.54
CA ARG B 122 0.22 -4.71 26.21
C ARG B 122 1.73 -4.76 26.28
N GLU B 123 2.26 -5.89 26.74
CA GLU B 123 3.68 -6.17 26.72
C GLU B 123 3.95 -7.34 25.79
N VAL B 124 4.87 -7.15 24.85
CA VAL B 124 5.14 -8.16 23.84
C VAL B 124 6.64 -8.38 23.69
N THR B 125 6.97 -9.54 23.14
CA THR B 125 8.27 -9.77 22.52
C THR B 125 8.12 -9.40 21.07
N PRO B 126 8.78 -8.33 20.59
CA PRO B 126 8.64 -7.95 19.18
C PRO B 126 9.53 -8.82 18.31
N LEU B 127 9.01 -9.17 17.13
CA LEU B 127 9.71 -10.03 16.17
C LEU B 127 10.13 -9.29 14.91
N GLY B 128 9.30 -8.38 14.41
CA GLY B 128 9.69 -7.62 13.23
C GLY B 128 8.56 -6.69 12.85
N VAL B 129 8.76 -6.04 11.71
CA VAL B 129 7.81 -5.07 11.17
C VAL B 129 7.48 -5.48 9.74
N LEU B 130 6.19 -5.51 9.41
CA LEU B 130 5.72 -5.70 8.04
C LEU B 130 5.47 -4.33 7.42
N PHE B 131 6.05 -4.09 6.25
CA PHE B 131 5.98 -2.80 5.60
C PHE B 131 5.02 -2.85 4.42
N GLY B 132 4.13 -1.86 4.36
CA GLY B 132 3.22 -1.72 3.25
C GLY B 132 2.50 -0.41 3.35
N ARG B 133 1.38 -0.29 2.63
CA ARG B 133 0.57 0.93 2.72
C ARG B 133 0.25 1.24 4.18
N SER B 134 -0.11 0.22 4.95
CA SER B 134 -0.11 0.26 6.41
C SER B 134 1.00 -0.64 6.93
N ASN B 135 1.57 -0.30 8.08
CA ASN B 135 2.64 -1.07 8.68
C ASN B 135 2.14 -1.83 9.89
N TYR B 136 2.77 -2.98 10.17
CA TYR B 136 2.38 -3.86 11.25
C TYR B 136 3.60 -4.30 12.01
N LEU B 137 3.48 -4.28 13.33
CA LEU B 137 4.41 -4.96 14.22
C LEU B 137 3.99 -6.41 14.37
N VAL B 138 4.91 -7.35 14.17
CA VAL B 138 4.65 -8.76 14.47
C VAL B 138 5.24 -9.03 15.84
N ALA B 139 4.44 -9.61 16.73
CA ALA B 139 4.93 -9.79 18.10
C ALA B 139 4.21 -10.95 18.76
N LEU B 140 4.83 -11.46 19.83
CA LEU B 140 4.21 -12.44 20.72
C LEU B 140 3.81 -11.73 22.00
N GLU B 141 2.56 -11.91 22.42
CA GLU B 141 2.10 -11.37 23.70
C GLU B 141 2.09 -12.50 24.71
N GLY B 142 3.05 -12.48 25.64
CA GLY B 142 3.10 -13.47 26.69
C GLY B 142 3.66 -14.81 26.25
N LYS B 143 4.28 -15.53 27.18
CA LYS B 143 4.73 -16.88 26.89
C LYS B 143 3.53 -17.78 26.63
N GLY B 144 3.53 -18.44 25.47
CA GLY B 144 2.39 -19.17 25.00
C GLY B 144 1.57 -18.44 23.94
N GLY B 145 1.74 -17.12 23.82
CA GLY B 145 1.07 -16.40 22.76
C GLY B 145 1.67 -16.68 21.40
N LYS B 146 0.86 -16.44 20.35
CA LYS B 146 1.25 -16.71 18.98
C LYS B 146 1.74 -15.43 18.30
N PRO B 147 2.52 -15.55 17.22
CA PRO B 147 2.82 -14.35 16.41
C PRO B 147 1.53 -13.68 15.95
N ARG B 148 1.46 -12.38 16.17
CA ARG B 148 0.24 -11.63 15.91
C ARG B 148 0.64 -10.28 15.33
N SER B 149 -0.15 -9.78 14.39
CA SER B 149 0.09 -8.49 13.76
C SER B 149 -0.67 -7.41 14.51
N TRP B 150 0.03 -6.32 14.83
CA TRP B 150 -0.55 -5.15 15.48
C TRP B 150 -0.35 -3.95 14.56
N ARG B 151 -1.41 -3.20 14.28
CA ARG B 151 -1.27 -2.09 13.35
C ARG B 151 -0.58 -0.94 14.06
N LEU B 152 0.46 -0.39 13.41
CA LEU B 152 1.23 0.70 13.99
C LEU B 152 0.38 1.95 14.18
N ASP B 153 -0.67 2.11 13.37
CA ASP B 153 -1.54 3.27 13.48
C ASP B 153 -2.53 3.17 14.64
N ARG B 154 -2.46 2.11 15.46
CA ARG B 154 -3.25 1.99 16.67
C ARG B 154 -2.38 1.82 17.91
N MET B 155 -1.09 2.10 17.80
CA MET B 155 -0.13 1.95 18.89
C MET B 155 0.32 3.32 19.40
N SER B 156 0.36 3.46 20.72
CA SER B 156 0.84 4.69 21.35
C SER B 156 1.52 4.33 22.67
N ASP B 157 2.22 5.31 23.24
CA ASP B 157 2.83 5.18 24.56
C ASP B 157 3.84 4.02 24.60
N LEU B 158 4.69 3.97 23.58
CA LEU B 158 5.68 2.91 23.48
C LEU B 158 6.73 3.05 24.58
N LYS B 159 7.07 1.93 25.23
CA LYS B 159 8.17 1.86 26.20
C LYS B 159 9.03 0.65 25.88
N VAL B 160 10.34 0.87 25.77
CA VAL B 160 11.31 -0.21 25.64
C VAL B 160 11.68 -0.66 27.05
N LEU B 161 11.23 -1.85 27.42
CA LEU B 161 11.38 -2.30 28.80
C LEU B 161 12.81 -2.72 29.08
N ASP B 162 13.20 -2.61 30.35
CA ASP B 162 14.50 -3.08 30.82
C ASP B 162 14.35 -4.52 31.30
N LYS B 163 14.02 -5.39 30.33
CA LYS B 163 13.68 -6.79 30.55
C LYS B 163 13.97 -7.60 29.30
N PRO B 164 14.71 -8.71 29.40
CA PRO B 164 15.05 -9.48 28.20
C PRO B 164 13.84 -10.20 27.62
N ALA B 165 13.71 -10.14 26.29
CA ALA B 165 12.64 -10.83 25.58
C ALA B 165 13.23 -11.47 24.32
N PRO B 166 13.85 -12.64 24.46
CA PRO B 166 14.43 -13.32 23.30
C PRO B 166 13.33 -13.82 22.36
N PRO B 167 13.53 -13.68 21.05
CA PRO B 167 12.60 -14.25 20.08
C PRO B 167 12.91 -15.71 19.83
N PRO B 168 11.99 -16.45 19.21
CA PRO B 168 12.33 -17.81 18.74
C PRO B 168 13.29 -17.76 17.56
N GLN B 169 14.04 -18.84 17.37
CA GLN B 169 14.97 -18.95 16.24
C GLN B 169 14.38 -19.70 15.04
N ASP B 170 13.16 -20.18 15.16
CA ASP B 170 12.50 -20.85 14.05
C ASP B 170 11.65 -19.91 13.22
N PHE B 171 11.12 -18.85 13.84
CA PHE B 171 10.12 -18.00 13.21
C PHE B 171 10.67 -17.33 11.96
N SER B 172 9.88 -17.38 10.89
CA SER B 172 10.22 -16.75 9.62
C SER B 172 9.29 -15.57 9.41
N LEU B 173 9.83 -14.36 9.53
CA LEU B 173 9.00 -13.17 9.39
C LEU B 173 8.41 -13.07 7.98
N GLN B 174 9.20 -13.33 6.94
CA GLN B 174 8.68 -13.17 5.59
C GLN B 174 7.69 -14.28 5.22
N ALA B 175 7.86 -15.48 5.78
CA ALA B 175 6.82 -16.49 5.64
C ALA B 175 5.53 -16.02 6.30
N PHE B 176 5.61 -15.53 7.53
CA PHE B 176 4.44 -15.00 8.22
C PHE B 176 3.79 -13.87 7.41
N ALA B 177 4.61 -13.02 6.81
CA ALA B 177 4.09 -11.86 6.07
C ALA B 177 3.25 -12.29 4.88
N ASP B 178 3.56 -13.44 4.30
CA ASP B 178 2.88 -13.90 3.09
C ASP B 178 1.62 -14.71 3.37
N GLU B 179 1.37 -15.08 4.63
CA GLU B 179 0.18 -15.85 4.97
C GLU B 179 -1.11 -15.09 4.72
N SER B 180 -1.09 -13.75 4.76
CA SER B 180 -2.36 -13.04 4.71
C SER B 180 -2.21 -11.65 4.14
N PHE B 181 -3.21 -11.21 3.38
CA PHE B 181 -3.27 -9.83 2.93
C PHE B 181 -3.78 -8.89 4.01
N GLY B 182 -4.25 -9.43 5.14
CA GLY B 182 -4.78 -8.59 6.20
C GLY B 182 -4.08 -8.83 7.52
N ILE B 183 -4.77 -8.52 8.61
CA ILE B 183 -4.19 -8.62 9.93
C ILE B 183 -4.20 -10.05 10.44
N TYR B 184 -5.21 -10.83 10.04
CA TYR B 184 -5.45 -12.13 10.64
C TYR B 184 -4.87 -13.25 9.79
N HIS B 185 -4.35 -14.26 10.47
CA HIS B 185 -3.79 -15.45 9.87
C HIS B 185 -4.63 -16.59 10.42
N ASP B 186 -5.81 -16.80 9.85
CA ASP B 186 -6.67 -17.84 10.38
C ASP B 186 -6.90 -18.95 9.37
N GLU B 187 -7.56 -18.67 8.24
CA GLU B 187 -7.79 -19.70 7.24
C GLU B 187 -7.16 -19.24 5.94
N ILE B 188 -6.20 -20.01 5.46
CA ILE B 188 -5.64 -19.77 4.14
C ILE B 188 -6.64 -20.30 3.11
N GLN B 189 -6.89 -19.50 2.09
CA GLN B 189 -7.78 -19.84 0.99
C GLN B 189 -6.98 -20.25 -0.24
N ASP B 190 -7.53 -21.21 -1.00
CA ASP B 190 -7.06 -21.51 -2.36
C ASP B 190 -7.75 -20.53 -3.29
N VAL B 191 -7.04 -19.50 -3.71
CA VAL B 191 -7.61 -18.47 -4.55
C VAL B 191 -7.36 -18.82 -5.99
N VAL B 192 -8.42 -18.78 -6.80
CA VAL B 192 -8.34 -18.95 -8.24
C VAL B 192 -9.05 -17.78 -8.91
N LEU B 193 -8.32 -17.05 -9.76
CA LEU B 193 -8.82 -15.93 -10.54
C LEU B 193 -8.62 -16.20 -12.03
N ARG B 194 -9.48 -15.62 -12.84
CA ARG B 194 -9.29 -15.61 -14.28
C ARG B 194 -9.31 -14.15 -14.72
N ILE B 195 -8.23 -13.71 -15.37
CA ILE B 195 -8.08 -12.35 -15.87
C ILE B 195 -8.31 -12.37 -17.38
N HIS B 196 -9.23 -11.52 -17.85
CA HIS B 196 -9.64 -11.51 -19.24
C HIS B 196 -8.50 -11.04 -20.14
N LYS B 197 -8.62 -11.37 -21.43
CA LYS B 197 -7.50 -11.14 -22.36
C LYS B 197 -7.07 -9.68 -22.36
N SER B 198 -8.02 -8.75 -22.22
CA SER B 198 -7.72 -7.32 -22.31
C SER B 198 -6.73 -6.87 -21.26
N ARG B 199 -6.71 -7.53 -20.10
CA ARG B 199 -5.74 -7.21 -19.04
C ARG B 199 -4.70 -8.31 -18.84
N ALA B 200 -4.67 -9.31 -19.73
CA ALA B 200 -3.82 -10.48 -19.48
C ALA B 200 -2.35 -10.08 -19.36
N GLU B 201 -1.86 -9.22 -20.26
CA GLU B 201 -0.45 -8.83 -20.19
C GLU B 201 -0.15 -8.13 -18.87
N ASP B 202 -1.05 -7.25 -18.42
CA ASP B 202 -0.85 -6.61 -17.12
C ASP B 202 -0.78 -7.66 -16.00
N ALA B 203 -1.67 -8.65 -16.07
CA ALA B 203 -1.67 -9.70 -15.06
C ALA B 203 -0.34 -10.43 -15.05
N LEU B 204 0.30 -10.59 -16.21
CA LEU B 204 1.55 -11.34 -16.23
C LEU B 204 2.68 -10.57 -15.54
N ARG B 205 2.55 -9.26 -15.36
CA ARG B 205 3.54 -8.48 -14.64
C ARG B 205 3.05 -8.06 -13.25
N TRP B 206 2.04 -8.75 -12.73
CA TRP B 206 1.41 -8.36 -11.48
C TRP B 206 1.71 -9.40 -10.41
N ARG B 207 2.13 -8.94 -9.24
CA ARG B 207 2.48 -9.81 -8.11
C ARG B 207 1.29 -9.85 -7.17
N PHE B 208 0.36 -10.80 -7.40
CA PHE B 208 -0.72 -11.02 -6.44
C PHE B 208 -0.19 -11.60 -5.14
N HIS B 209 0.71 -12.56 -5.24
CA HIS B 209 1.18 -13.27 -4.07
C HIS B 209 2.52 -13.92 -4.40
N ALA B 210 3.28 -14.22 -3.36
CA ALA B 210 4.57 -14.87 -3.54
C ALA B 210 4.41 -16.25 -4.17
N THR B 211 3.30 -16.94 -3.90
CA THR B 211 3.09 -18.33 -4.29
C THR B 211 2.38 -18.50 -5.62
N GLN B 212 2.18 -17.44 -6.39
CA GLN B 212 1.21 -17.52 -7.47
C GLN B 212 1.73 -18.35 -8.64
N GLN B 213 0.79 -18.94 -9.37
CA GLN B 213 1.05 -19.63 -10.61
C GLN B 213 0.15 -19.00 -11.66
N VAL B 214 0.70 -18.64 -12.81
CA VAL B 214 -0.07 -18.00 -13.87
C VAL B 214 -0.07 -18.92 -15.08
N THR B 215 -1.25 -19.17 -15.63
CA THR B 215 -1.42 -20.12 -16.72
C THR B 215 -2.13 -19.42 -17.87
N PRO B 216 -1.56 -19.37 -19.06
CA PRO B 216 -2.30 -18.84 -20.21
C PRO B 216 -3.40 -19.79 -20.64
N GLU B 217 -4.58 -19.24 -20.90
CA GLU B 217 -5.71 -20.05 -21.36
C GLU B 217 -5.91 -19.87 -22.86
N ALA B 218 -6.73 -20.76 -23.44
CA ALA B 218 -6.81 -20.82 -24.89
C ALA B 218 -7.40 -19.55 -25.51
N ASP B 219 -8.15 -18.76 -24.76
CA ASP B 219 -8.82 -17.60 -25.32
C ASP B 219 -8.11 -16.28 -25.02
N GLY B 220 -6.85 -16.34 -24.56
CA GLY B 220 -6.12 -15.16 -24.20
C GLY B 220 -6.22 -14.74 -22.75
N SER B 221 -7.10 -15.37 -21.97
CA SER B 221 -7.16 -15.10 -20.54
C SER B 221 -5.94 -15.70 -19.84
N VAL B 222 -5.71 -15.26 -18.60
CA VAL B 222 -4.74 -15.94 -17.74
C VAL B 222 -5.42 -16.37 -16.44
N LEU B 223 -5.19 -17.62 -16.08
CA LEU B 223 -5.58 -18.10 -14.76
C LEU B 223 -4.47 -17.75 -13.78
N VAL B 224 -4.87 -17.31 -12.59
CA VAL B 224 -3.93 -17.00 -11.51
C VAL B 224 -4.36 -17.77 -10.28
N THR B 225 -3.47 -18.56 -9.72
CA THR B 225 -3.78 -19.34 -8.52
C THR B 225 -2.77 -19.02 -7.43
N PHE B 226 -3.25 -18.91 -6.19
CA PHE B 226 -2.33 -18.73 -5.07
C PHE B 226 -3.07 -19.09 -3.77
N ARG B 227 -2.31 -19.22 -2.68
CA ARG B 227 -2.85 -19.55 -1.37
C ARG B 227 -2.59 -18.42 -0.38
N ALA B 228 -3.65 -17.87 0.19
CA ALA B 228 -3.50 -16.75 1.13
C ALA B 228 -4.76 -16.54 1.94
N GLY B 229 -4.59 -15.95 3.12
CA GLY B 229 -5.71 -15.44 3.88
C GLY B 229 -5.94 -13.96 3.59
N GLY B 230 -6.96 -13.41 4.23
CA GLY B 230 -7.26 -11.98 4.08
C GLY B 230 -8.17 -11.64 2.91
N MET B 231 -9.36 -12.25 2.89
CA MET B 231 -10.22 -12.12 1.71
C MET B 231 -10.81 -10.73 1.57
N ARG B 232 -11.05 -10.01 2.67
CA ARG B 232 -11.62 -8.66 2.55
C ARG B 232 -10.69 -7.74 1.77
N GLU B 233 -9.41 -7.72 2.16
CA GLU B 233 -8.40 -6.89 1.50
C GLU B 233 -8.22 -7.31 0.05
N LEU B 234 -8.21 -8.62 -0.20
CA LEU B 234 -8.08 -9.09 -1.57
C LEU B 234 -9.24 -8.61 -2.43
N SER B 235 -10.47 -8.66 -1.89
CA SER B 235 -11.62 -8.21 -2.68
C SER B 235 -11.56 -6.71 -2.96
N TRP B 236 -11.05 -5.92 -1.99
CA TRP B 236 -10.77 -4.51 -2.30
C TRP B 236 -9.82 -4.38 -3.47
N HIS B 237 -8.74 -5.17 -3.49
CA HIS B 237 -7.81 -5.05 -4.62
C HIS B 237 -8.50 -5.46 -5.94
N LEU B 238 -9.31 -6.52 -5.90
CA LEU B 238 -9.95 -7.01 -7.12
C LEU B 238 -10.86 -5.95 -7.72
N PHE B 239 -11.45 -5.10 -6.89
CA PHE B 239 -12.22 -3.99 -7.45
C PHE B 239 -11.40 -3.19 -8.46
N THR B 240 -10.08 -3.06 -8.26
CA THR B 240 -9.28 -2.24 -9.17
C THR B 240 -9.16 -2.85 -10.56
N TRP B 241 -9.50 -4.13 -10.73
CA TRP B 241 -9.45 -4.79 -12.03
C TRP B 241 -10.76 -4.65 -12.81
N GLY B 242 -11.79 -4.06 -12.21
CA GLY B 242 -12.98 -3.76 -12.97
C GLY B 242 -13.69 -5.03 -13.40
N ASP B 243 -14.13 -5.07 -14.66
CA ASP B 243 -14.83 -6.21 -15.19
C ASP B 243 -13.89 -7.21 -15.83
N ALA B 244 -12.58 -7.05 -15.63
CA ALA B 244 -11.58 -7.92 -16.25
C ALA B 244 -11.15 -9.07 -15.37
N VAL B 245 -11.73 -9.25 -14.18
CA VAL B 245 -11.38 -10.38 -13.33
C VAL B 245 -12.63 -11.16 -13.00
N GLU B 246 -12.55 -12.48 -13.14
CA GLU B 246 -13.58 -13.39 -12.68
C GLU B 246 -13.03 -14.13 -11.48
N ILE B 247 -13.78 -14.17 -10.39
CA ILE B 247 -13.37 -14.96 -9.23
C ILE B 247 -13.88 -16.39 -9.43
N VAL B 248 -12.94 -17.34 -9.55
CA VAL B 248 -13.29 -18.74 -9.67
C VAL B 248 -13.41 -19.41 -8.30
N ALA B 249 -12.51 -19.11 -7.37
CA ALA B 249 -12.62 -19.66 -6.02
C ALA B 249 -11.83 -18.77 -5.08
N PRO B 250 -12.12 -18.80 -3.77
CA PRO B 250 -13.18 -19.54 -3.07
C PRO B 250 -14.53 -18.84 -3.13
N GLN B 251 -15.59 -19.60 -2.82
CA GLN B 251 -16.93 -19.04 -2.74
C GLN B 251 -16.98 -17.86 -1.77
N VAL B 252 -16.27 -17.95 -0.64
CA VAL B 252 -16.30 -16.86 0.33
C VAL B 252 -15.75 -15.58 -0.26
N LEU B 253 -14.79 -15.67 -1.18
CA LEU B 253 -14.32 -14.46 -1.84
C LEU B 253 -15.38 -13.88 -2.76
N LYS B 254 -16.09 -14.73 -3.52
CA LYS B 254 -17.20 -14.26 -4.35
C LYS B 254 -18.27 -13.56 -3.51
N ASP B 255 -18.67 -14.20 -2.41
CA ASP B 255 -19.73 -13.64 -1.57
C ASP B 255 -19.29 -12.34 -0.91
N MET B 256 -18.04 -12.28 -0.45
CA MET B 256 -17.50 -11.03 0.10
C MET B 256 -17.54 -9.93 -0.96
N MET B 257 -17.04 -10.23 -2.16
CA MET B 257 -17.02 -9.23 -3.22
C MET B 257 -18.42 -8.74 -3.54
N VAL B 258 -19.38 -9.66 -3.68
CA VAL B 258 -20.72 -9.26 -4.06
C VAL B 258 -21.39 -8.44 -2.97
N GLN B 259 -21.19 -8.84 -1.70
CA GLN B 259 -21.79 -8.04 -0.61
C GLN B 259 -21.17 -6.65 -0.53
N GLU B 260 -19.85 -6.53 -0.70
CA GLU B 260 -19.23 -5.21 -0.68
C GLU B 260 -19.72 -4.36 -1.84
N LEU B 261 -19.92 -4.98 -3.01
CA LEU B 261 -20.39 -4.24 -4.18
C LEU B 261 -21.82 -3.75 -3.97
N ARG B 262 -22.68 -4.56 -3.34
CA ARG B 262 -24.05 -4.14 -3.08
C ARG B 262 -24.11 -3.02 -2.03
N GLU B 263 -23.34 -3.16 -0.94
CA GLU B 263 -23.28 -2.10 0.06
C GLU B 263 -22.85 -0.78 -0.58
N ALA B 264 -21.72 -0.80 -1.30
CA ALA B 264 -21.19 0.44 -1.85
C ALA B 264 -22.04 0.95 -3.01
N GLY B 265 -22.66 0.04 -3.78
CA GLY B 265 -23.53 0.47 -4.86
C GLY B 265 -24.77 1.17 -4.35
N ARG B 266 -25.36 0.67 -3.26
CA ARG B 266 -26.50 1.37 -2.68
C ARG B 266 -26.07 2.72 -2.14
N ALA B 267 -25.00 2.73 -1.34
CA ALA B 267 -24.54 3.97 -0.71
C ALA B 267 -24.28 5.06 -1.74
N HIS B 268 -23.67 4.72 -2.87
CA HIS B 268 -23.33 5.71 -3.88
C HIS B 268 -24.41 5.85 -4.95
N GLY B 269 -25.54 5.18 -4.80
CA GLY B 269 -26.61 5.30 -5.78
C GLY B 269 -26.29 4.71 -7.13
N ALA B 270 -25.52 3.63 -7.17
CA ALA B 270 -25.21 2.99 -8.44
C ALA B 270 -26.41 2.23 -8.99
N TRP B 271 -27.24 1.67 -8.11
CA TRP B 271 -28.47 0.97 -8.50
C TRP B 271 -29.46 0.91 -7.36
C1 GOL C . -10.50 0.98 6.05
O1 GOL C . -11.56 0.88 5.13
C2 GOL C . -9.45 1.92 5.56
O2 GOL C . -8.79 2.38 6.72
C3 GOL C . -8.47 1.16 4.67
O3 GOL C . -8.66 1.61 3.34
S SO4 D . 10.60 11.73 -21.09
O1 SO4 D . 9.78 12.24 -22.24
O2 SO4 D . 9.68 11.31 -19.98
O3 SO4 D . 11.41 10.54 -21.50
O4 SO4 D . 11.51 12.84 -20.67
S SO4 E . 2.76 7.11 -16.29
O1 SO4 E . 1.29 7.33 -16.51
O2 SO4 E . 2.93 6.17 -15.13
O3 SO4 E . 3.38 6.53 -17.53
O4 SO4 E . 3.45 8.41 -15.97
S SO4 F . -5.52 11.00 -4.44
O1 SO4 F . -6.80 11.75 -4.65
O2 SO4 F . -5.64 9.59 -5.05
O3 SO4 F . -4.43 11.73 -5.18
O4 SO4 F . -5.16 11.01 -2.94
C1 GOL G . -3.97 -3.03 -10.37
O1 GOL G . -4.40 -2.16 -9.34
C2 GOL G . -4.30 -2.42 -11.70
O2 GOL G . -3.22 -2.56 -12.58
C3 GOL G . -5.50 -3.18 -12.24
O3 GOL G . -6.39 -2.17 -12.68
S SO4 H . -7.16 -7.97 21.57
O1 SO4 H . -8.06 -7.43 22.65
O2 SO4 H . -7.91 -9.02 20.79
O3 SO4 H . -6.72 -6.87 20.64
O4 SO4 H . -5.97 -8.61 22.22
#